data_6YXW
#
_entry.id   6YXW
#
_cell.length_a   73.126
_cell.length_b   39.490
_cell.length_c   113.212
_cell.angle_alpha   90.000
_cell.angle_beta   106.910
_cell.angle_gamma   90.000
#
_symmetry.space_group_name_H-M   'P 1 21 1'
#
loop_
_entity.id
_entity.type
_entity.pdbx_description
1 polymer 'GTPase KRas'
2 polymer 'Affimer K3'
3 non-polymer "GUANOSINE-5'-DIPHOSPHATE"
4 non-polymer 'MAGNESIUM ION'
5 water water
#
loop_
_entity_poly.entity_id
_entity_poly.type
_entity_poly.pdbx_seq_one_letter_code
_entity_poly.pdbx_strand_id
1 'polypeptide(L)'
;GSHMTEYKLVVVGAGGVGKSALTIQLIQNHFVDEYDPTIEDSYRKQVVIDGETCLLDILDTAGQEEYSAMRDQYMRTGEG
FLCVFAINNTKSFEDIHHYREQIKRVKDSEDVPMVLVGNKCDLPSRTVDTKQAQDLARSYGIPFIETSAKTRQGVDDAFY
TLVREIRKHK
;
A,C
2 'polypeptide(L)'
;MASNSLEIEELARFAVDEHNKKENALLEFVRVVKAKEQHSIDIWYDFTMYYLTLEAKDGGKKKLYEAKVWVKKLNNSHTY
KNFKELQEFKPVGDAAAAHHHHHHHH
;
B,D
#
loop_
_chem_comp.id
_chem_comp.type
_chem_comp.name
_chem_comp.formula
GDP RNA linking GUANOSINE-5'-DIPHOSPHATE 'C10 H15 N5 O11 P2'
MG non-polymer 'MAGNESIUM ION' 'Mg 2'
#
# COMPACT_ATOMS: atom_id res chain seq x y z
N THR A 5 11.14 -23.67 28.47
CA THR A 5 11.33 -23.05 27.13
C THR A 5 9.98 -22.95 26.40
N GLU A 6 9.65 -21.74 25.94
CA GLU A 6 8.44 -21.49 25.20
C GLU A 6 8.79 -21.11 23.75
N TYR A 7 7.92 -21.56 22.83
CA TYR A 7 7.86 -21.09 21.46
C TYR A 7 6.50 -20.43 21.25
N LYS A 8 6.51 -19.13 20.94
CA LYS A 8 5.29 -18.38 20.64
C LYS A 8 4.99 -18.47 19.15
N LEU A 9 3.87 -19.12 18.80
CA LEU A 9 3.48 -19.32 17.40
C LEU A 9 2.16 -18.57 17.15
N VAL A 10 1.96 -18.15 15.90
CA VAL A 10 0.76 -17.44 15.44
C VAL A 10 0.24 -18.13 14.16
N VAL A 11 -1.04 -18.52 14.17
CA VAL A 11 -1.67 -19.19 13.05
C VAL A 11 -2.56 -18.17 12.31
N VAL A 12 -2.26 -17.96 11.02
CA VAL A 12 -2.94 -16.97 10.17
C VAL A 12 -3.40 -17.64 8.86
N GLY A 13 -4.26 -16.95 8.13
CA GLY A 13 -4.99 -17.50 6.98
C GLY A 13 -6.43 -17.03 6.95
N ALA A 14 -7.04 -16.99 5.77
CA ALA A 14 -8.41 -16.55 5.61
C ALA A 14 -9.33 -17.44 6.47
N GLY A 15 -10.51 -16.90 6.83
CA GLY A 15 -11.54 -17.62 7.58
C GLY A 15 -11.98 -18.87 6.82
N GLY A 16 -12.02 -20.02 7.50
CA GLY A 16 -12.53 -21.27 6.93
C GLY A 16 -11.44 -22.17 6.37
N VAL A 17 -10.17 -21.78 6.51
CA VAL A 17 -9.05 -22.61 6.01
C VAL A 17 -8.74 -23.75 6.99
N GLY A 18 -9.12 -23.58 8.26
CA GLY A 18 -8.92 -24.62 9.28
C GLY A 18 -7.84 -24.27 10.31
N LYS A 19 -7.70 -22.97 10.62
CA LYS A 19 -6.76 -22.50 11.63
C LYS A 19 -7.11 -23.10 12.99
N SER A 20 -8.40 -23.04 13.34
CA SER A 20 -8.86 -23.51 14.63
C SER A 20 -8.76 -25.04 14.67
N ALA A 21 -9.24 -25.71 13.60
CA ALA A 21 -9.20 -27.16 13.48
C ALA A 21 -7.77 -27.68 13.68
N LEU A 22 -6.80 -27.03 13.02
CA LEU A 22 -5.38 -27.41 13.12
C LEU A 22 -4.88 -27.24 14.57
N THR A 23 -5.17 -26.08 15.16
CA THR A 23 -4.75 -25.73 16.50
C THR A 23 -5.31 -26.74 17.52
N ILE A 24 -6.63 -26.97 17.45
CA ILE A 24 -7.32 -27.86 18.41
C ILE A 24 -6.85 -29.31 18.22
N GLN A 25 -6.47 -29.70 17.00
CA GLN A 25 -5.93 -31.05 16.75
C GLN A 25 -4.55 -31.23 17.40
N LEU A 26 -3.74 -30.17 17.43
CA LEU A 26 -2.41 -30.23 18.06
C LEU A 26 -2.53 -30.22 19.59
N ILE A 27 -3.44 -29.38 20.12
CA ILE A 27 -3.62 -29.24 21.57
C ILE A 27 -4.38 -30.45 22.11
N GLN A 28 -5.63 -30.63 21.66
CA GLN A 28 -6.59 -31.57 22.24
C GLN A 28 -6.61 -32.91 21.49
N ASN A 29 -5.92 -32.99 20.35
CA ASN A 29 -5.73 -34.25 19.60
C ASN A 29 -7.06 -34.84 19.12
N HIS A 30 -7.98 -33.98 18.69
CA HIS A 30 -9.23 -34.41 18.03
C HIS A 30 -9.73 -33.33 17.07
N PHE A 31 -10.54 -33.76 16.10
CA PHE A 31 -11.04 -32.90 15.03
C PHE A 31 -12.37 -32.27 15.43
N VAL A 32 -12.42 -30.93 15.45
CA VAL A 32 -13.61 -30.16 15.75
C VAL A 32 -14.17 -29.59 14.45
N ASP A 33 -15.38 -30.05 14.07
CA ASP A 33 -16.03 -29.70 12.79
C ASP A 33 -16.41 -28.21 12.75
N GLU A 34 -17.13 -27.76 13.79
CA GLU A 34 -17.81 -26.48 13.77
C GLU A 34 -17.30 -25.64 14.95
N TYR A 35 -16.19 -24.92 14.74
CA TYR A 35 -15.64 -24.06 15.77
C TYR A 35 -16.01 -22.62 15.42
N ASP A 36 -16.68 -21.94 16.35
CA ASP A 36 -17.07 -20.55 16.21
C ASP A 36 -15.99 -19.79 15.46
N PRO A 37 -16.26 -19.28 14.24
CA PRO A 37 -15.22 -18.62 13.44
C PRO A 37 -14.75 -17.28 14.02
N THR A 38 -15.50 -16.70 14.96
CA THR A 38 -15.17 -15.42 15.60
C THR A 38 -14.18 -15.59 16.77
N ILE A 39 -14.05 -16.81 17.33
CA ILE A 39 -13.27 -17.01 18.55
C ILE A 39 -11.76 -17.01 18.23
N GLU A 40 -11.09 -15.99 18.76
CA GLU A 40 -9.64 -15.87 18.77
C GLU A 40 -9.14 -15.99 20.22
N ASP A 41 -8.12 -16.81 20.43
CA ASP A 41 -7.59 -17.12 21.75
C ASP A 41 -6.23 -17.83 21.59
N SER A 42 -5.42 -17.78 22.65
CA SER A 42 -4.17 -18.49 22.72
C SER A 42 -4.37 -19.77 23.55
N TYR A 43 -3.58 -20.79 23.22
CA TYR A 43 -3.61 -22.09 23.85
C TYR A 43 -2.17 -22.57 24.05
N ARG A 44 -1.92 -23.27 25.16
CA ARG A 44 -0.58 -23.75 25.52
C ARG A 44 -0.63 -25.27 25.61
N LYS A 45 0.39 -25.94 25.05
CA LYS A 45 0.59 -27.37 25.25
C LYS A 45 2.08 -27.70 25.34
N GLN A 46 2.46 -28.43 26.40
CA GLN A 46 3.80 -28.96 26.58
C GLN A 46 3.95 -30.18 25.67
N VAL A 47 5.07 -30.22 24.94
CA VAL A 47 5.38 -31.29 23.99
C VAL A 47 6.89 -31.54 24.01
N VAL A 48 7.29 -32.62 23.34
CA VAL A 48 8.68 -32.97 23.12
C VAL A 48 9.00 -32.84 21.62
N ILE A 49 10.02 -32.06 21.29
CA ILE A 49 10.45 -31.83 19.92
C ILE A 49 11.97 -32.06 19.81
N ASP A 50 12.34 -33.13 19.10
CA ASP A 50 13.74 -33.51 18.90
C ASP A 50 14.43 -33.68 20.26
N GLY A 51 13.74 -34.36 21.19
CA GLY A 51 14.25 -34.67 22.52
C GLY A 51 14.16 -33.49 23.47
N GLU A 52 13.52 -32.39 23.05
CA GLU A 52 13.43 -31.20 23.88
C GLU A 52 11.99 -31.09 24.42
N THR A 53 11.86 -31.06 25.75
CA THR A 53 10.63 -30.68 26.42
C THR A 53 10.48 -29.17 26.27
N CYS A 54 9.36 -28.73 25.70
CA CYS A 54 9.11 -27.32 25.51
C CYS A 54 7.61 -27.06 25.54
N LEU A 55 7.28 -25.76 25.67
CA LEU A 55 5.92 -25.29 25.71
C LEU A 55 5.64 -24.48 24.44
N LEU A 56 4.56 -24.83 23.76
CA LEU A 56 4.07 -24.07 22.61
C LEU A 56 2.92 -23.19 23.08
N ASP A 57 3.03 -21.88 22.79
CA ASP A 57 2.00 -20.88 23.04
C ASP A 57 1.50 -20.38 21.69
N ILE A 58 0.29 -20.83 21.30
CA ILE A 58 -0.24 -20.69 19.94
C ILE A 58 -1.46 -19.74 19.99
N LEU A 59 -1.40 -18.69 19.16
CA LEU A 59 -2.56 -17.83 18.93
C LEU A 59 -3.26 -18.32 17.65
N ASP A 60 -4.49 -18.81 17.84
CA ASP A 60 -5.43 -19.08 16.77
C ASP A 60 -6.16 -17.77 16.44
N THR A 61 -5.76 -17.11 15.35
CA THR A 61 -6.32 -15.81 14.99
C THR A 61 -7.69 -15.97 14.33
N ALA A 62 -8.52 -14.95 14.51
CA ALA A 62 -9.84 -14.86 13.92
C ALA A 62 -10.28 -13.39 13.98
N GLY A 63 -11.10 -12.98 13.02
CA GLY A 63 -11.67 -11.63 12.97
C GLY A 63 -10.62 -10.59 12.59
N GLN A 64 -10.13 -10.67 11.36
CA GLN A 64 -9.05 -9.80 10.88
C GLN A 64 -9.57 -8.40 10.54
N GLU A 65 -10.90 -8.24 10.46
CA GLU A 65 -11.54 -6.95 10.13
C GLU A 65 -11.56 -6.00 11.35
N GLU A 66 -11.33 -6.53 12.56
CA GLU A 66 -11.40 -5.70 13.76
C GLU A 66 -10.05 -5.77 14.49
N TYR A 67 -9.65 -4.65 15.10
CA TYR A 67 -8.42 -4.57 15.87
C TYR A 67 -8.51 -5.51 17.09
N SER A 68 -7.40 -6.20 17.36
CA SER A 68 -7.27 -7.15 18.48
C SER A 68 -5.98 -6.86 19.25
N ALA A 69 -6.13 -6.43 20.51
CA ALA A 69 -5.01 -6.17 21.41
C ALA A 69 -4.22 -7.46 21.64
N MET A 70 -4.90 -8.59 21.63
CA MET A 70 -4.28 -9.91 21.76
C MET A 70 -3.37 -10.19 20.56
N ARG A 71 -3.94 -10.04 19.36
CA ARG A 71 -3.22 -10.28 18.13
C ARG A 71 -2.04 -9.31 18.01
N ASP A 72 -2.28 -8.05 18.42
CA ASP A 72 -1.27 -7.01 18.43
C ASP A 72 -0.04 -7.51 19.23
N GLN A 73 -0.29 -8.04 20.43
CA GLN A 73 0.78 -8.52 21.30
C GLN A 73 1.54 -9.68 20.64
N TYR A 74 0.81 -10.60 20.01
CA TYR A 74 1.41 -11.82 19.41
C TYR A 74 2.13 -11.48 18.09
N MET A 75 1.66 -10.49 17.34
CA MET A 75 2.37 -10.02 16.15
C MET A 75 3.77 -9.50 16.57
N ARG A 76 3.81 -8.73 17.66
CA ARG A 76 5.05 -8.13 18.16
C ARG A 76 5.96 -9.20 18.78
N THR A 77 5.41 -10.15 19.55
CA THR A 77 6.23 -11.09 20.35
C THR A 77 6.27 -12.50 19.74
N GLY A 78 5.43 -12.77 18.73
CA GLY A 78 5.41 -14.04 18.05
C GLY A 78 6.77 -14.34 17.43
N GLU A 79 7.22 -15.58 17.55
CA GLU A 79 8.52 -16.01 17.06
C GLU A 79 8.38 -16.66 15.67
N GLY A 80 7.23 -17.30 15.42
CA GLY A 80 6.98 -17.98 14.15
C GLY A 80 5.51 -17.99 13.78
N PHE A 81 5.25 -18.16 12.48
CA PHE A 81 3.92 -17.98 11.89
C PHE A 81 3.59 -19.15 10.96
N LEU A 82 2.41 -19.72 11.15
CA LEU A 82 1.80 -20.67 10.24
C LEU A 82 0.85 -19.88 9.31
N CYS A 83 1.23 -19.73 8.04
CA CYS A 83 0.34 -19.16 7.03
C CYS A 83 -0.41 -20.30 6.35
N VAL A 84 -1.71 -20.39 6.65
CA VAL A 84 -2.56 -21.50 6.23
C VAL A 84 -3.46 -21.04 5.07
N PHE A 85 -3.53 -21.88 4.03
CA PHE A 85 -4.58 -21.82 3.02
C PHE A 85 -5.28 -23.19 2.99
N ALA A 86 -6.41 -23.26 2.30
CA ALA A 86 -7.11 -24.51 2.02
C ALA A 86 -6.81 -24.95 0.58
N ILE A 87 -6.47 -26.23 0.38
CA ILE A 87 -6.09 -26.76 -0.95
C ILE A 87 -7.30 -26.85 -1.89
N ASN A 88 -8.51 -26.58 -1.39
CA ASN A 88 -9.71 -26.56 -2.24
C ASN A 88 -10.30 -25.14 -2.33
N ASN A 89 -9.53 -24.12 -1.97
CA ASN A 89 -9.97 -22.71 -2.07
C ASN A 89 -8.82 -21.84 -2.56
N THR A 90 -8.91 -21.42 -3.83
CA THR A 90 -7.86 -20.63 -4.48
C THR A 90 -7.70 -19.26 -3.82
N LYS A 91 -8.81 -18.65 -3.40
CA LYS A 91 -8.79 -17.33 -2.79
C LYS A 91 -7.87 -17.31 -1.57
N SER A 92 -8.01 -18.31 -0.70
CA SER A 92 -7.22 -18.45 0.52
C SER A 92 -5.72 -18.54 0.18
N PHE A 93 -5.38 -19.22 -0.91
CA PHE A 93 -3.99 -19.31 -1.40
C PHE A 93 -3.48 -17.94 -1.88
N GLU A 94 -4.35 -17.17 -2.53
CA GLU A 94 -3.98 -15.81 -3.02
C GLU A 94 -3.74 -14.85 -1.84
N ASP A 95 -4.54 -15.00 -0.76
CA ASP A 95 -4.42 -14.13 0.42
C ASP A 95 -3.05 -14.31 1.09
N ILE A 96 -2.35 -15.43 0.81
CA ILE A 96 -1.09 -15.79 1.49
C ILE A 96 -0.05 -14.66 1.34
N HIS A 97 0.06 -14.08 0.15
CA HIS A 97 1.06 -13.06 -0.13
C HIS A 97 0.91 -11.85 0.82
N HIS A 98 -0.32 -11.43 1.10
CA HIS A 98 -0.56 -10.27 1.98
C HIS A 98 -0.25 -10.63 3.44
N TYR A 99 -0.64 -11.85 3.87
CA TYR A 99 -0.32 -12.31 5.24
C TYR A 99 1.20 -12.22 5.43
N ARG A 100 1.96 -12.84 4.51
CA ARG A 100 3.40 -12.83 4.60
C ARG A 100 3.91 -11.39 4.65
N GLU A 101 3.38 -10.52 3.78
CA GLU A 101 3.80 -9.10 3.72
C GLU A 101 3.64 -8.46 5.10
N GLN A 102 2.45 -8.62 5.71
CA GLN A 102 2.15 -7.99 7.00
C GLN A 102 3.07 -8.52 8.10
N ILE A 103 3.39 -9.82 8.07
CA ILE A 103 4.29 -10.43 9.06
C ILE A 103 5.71 -9.88 8.87
N LYS A 104 6.20 -9.80 7.61
CA LYS A 104 7.53 -9.23 7.36
C LYS A 104 7.56 -7.79 7.86
N ARG A 105 6.49 -7.03 7.55
CA ARG A 105 6.40 -5.63 7.91
C ARG A 105 6.44 -5.46 9.43
N VAL A 106 5.65 -6.24 10.17
CA VAL A 106 5.55 -6.06 11.63
C VAL A 106 6.91 -6.37 12.28
N LYS A 107 7.65 -7.34 11.72
CA LYS A 107 8.99 -7.70 12.19
C LYS A 107 10.08 -6.86 11.49
N ASP A 108 9.70 -6.06 10.49
CA ASP A 108 10.67 -5.30 9.70
C ASP A 108 11.78 -6.25 9.20
N SER A 109 11.39 -7.43 8.70
CA SER A 109 12.36 -8.46 8.37
C SER A 109 11.82 -9.43 7.33
N GLU A 110 12.69 -9.79 6.37
CA GLU A 110 12.39 -10.80 5.38
C GLU A 110 12.52 -12.19 6.01
N ASP A 111 13.39 -12.31 7.02
CA ASP A 111 13.88 -13.59 7.55
C ASP A 111 13.09 -14.00 8.81
N VAL A 112 11.76 -14.03 8.69
CA VAL A 112 10.89 -14.39 9.82
C VAL A 112 10.58 -15.88 9.74
N PRO A 113 10.77 -16.67 10.84
CA PRO A 113 10.39 -18.08 10.85
C PRO A 113 8.92 -18.24 10.43
N MET A 114 8.69 -19.10 9.44
CA MET A 114 7.40 -19.18 8.80
C MET A 114 7.30 -20.51 8.04
N VAL A 115 6.11 -21.12 8.08
CA VAL A 115 5.79 -22.32 7.34
C VAL A 115 4.47 -22.10 6.60
N LEU A 116 4.48 -22.39 5.30
CA LEU A 116 3.28 -22.39 4.48
C LEU A 116 2.56 -23.73 4.66
N VAL A 117 1.26 -23.67 4.99
CA VAL A 117 0.44 -24.85 5.25
C VAL A 117 -0.73 -24.91 4.26
N GLY A 118 -0.83 -26.04 3.54
CA GLY A 118 -1.96 -26.39 2.71
C GLY A 118 -2.86 -27.37 3.43
N ASN A 119 -3.96 -26.87 3.99
CA ASN A 119 -4.84 -27.68 4.83
C ASN A 119 -5.92 -28.33 3.96
N LYS A 120 -6.50 -29.41 4.48
CA LYS A 120 -7.66 -30.15 3.95
C LYS A 120 -7.23 -31.14 2.86
N CYS A 121 -6.04 -31.73 3.02
CA CYS A 121 -5.47 -32.67 2.05
C CYS A 121 -6.10 -34.06 2.17
N ASP A 122 -7.07 -34.22 3.08
CA ASP A 122 -7.89 -35.42 3.20
C ASP A 122 -8.85 -35.53 2.01
N LEU A 123 -9.31 -34.37 1.50
CA LEU A 123 -10.33 -34.34 0.47
C LEU A 123 -9.84 -35.10 -0.75
N PRO A 124 -10.71 -35.85 -1.47
CA PRO A 124 -10.29 -36.59 -2.66
C PRO A 124 -9.86 -35.67 -3.83
N SER A 125 -10.44 -34.46 -3.89
CA SER A 125 -10.16 -33.47 -4.94
C SER A 125 -9.31 -32.33 -4.38
N ARG A 126 -8.81 -31.46 -5.27
CA ARG A 126 -8.17 -30.20 -4.88
C ARG A 126 -8.20 -29.21 -6.05
N THR A 127 -8.15 -27.91 -5.71
CA THR A 127 -8.23 -26.81 -6.67
C THR A 127 -6.85 -26.14 -6.84
N VAL A 128 -6.13 -25.97 -5.73
CA VAL A 128 -4.80 -25.35 -5.73
C VAL A 128 -3.76 -26.44 -5.90
N ASP A 129 -3.04 -26.38 -7.03
CA ASP A 129 -2.04 -27.36 -7.40
C ASP A 129 -0.90 -27.33 -6.37
N THR A 130 -0.46 -28.52 -5.96
CA THR A 130 0.65 -28.76 -5.03
C THR A 130 1.93 -28.05 -5.51
N LYS A 131 2.28 -28.23 -6.79
CA LYS A 131 3.51 -27.67 -7.35
C LYS A 131 3.47 -26.14 -7.26
N GLN A 132 2.26 -25.56 -7.37
CA GLN A 132 2.06 -24.10 -7.24
C GLN A 132 2.48 -23.65 -5.82
N ALA A 133 2.06 -24.43 -4.82
CA ALA A 133 2.34 -24.15 -3.40
C ALA A 133 3.84 -24.34 -3.11
N GLN A 134 4.42 -25.43 -3.64
CA GLN A 134 5.84 -25.71 -3.55
C GLN A 134 6.64 -24.56 -4.19
N ASP A 135 6.22 -24.16 -5.39
CA ASP A 135 6.88 -23.08 -6.13
C ASP A 135 6.87 -21.79 -5.30
N LEU A 136 5.74 -21.46 -4.68
CA LEU A 136 5.61 -20.24 -3.89
C LEU A 136 6.50 -20.32 -2.65
N ALA A 137 6.37 -21.41 -1.88
CA ALA A 137 7.17 -21.68 -0.67
C ALA A 137 8.67 -21.50 -0.97
N ARG A 138 9.11 -22.08 -2.10
CA ARG A 138 10.53 -22.00 -2.53
C ARG A 138 10.92 -20.53 -2.76
N SER A 139 10.09 -19.79 -3.49
CA SER A 139 10.37 -18.36 -3.77
C SER A 139 10.58 -17.59 -2.45
N TYR A 140 9.78 -17.91 -1.44
CA TYR A 140 9.81 -17.25 -0.14
C TYR A 140 10.97 -17.76 0.73
N GLY A 141 11.52 -18.92 0.40
CA GLY A 141 12.59 -19.56 1.17
C GLY A 141 12.08 -20.19 2.47
N ILE A 142 10.84 -20.71 2.44
CA ILE A 142 10.23 -21.30 3.62
C ILE A 142 9.74 -22.71 3.32
N PRO A 143 9.55 -23.56 4.36
CA PRO A 143 8.94 -24.88 4.18
C PRO A 143 7.45 -24.83 3.80
N PHE A 144 7.03 -25.82 2.99
CA PHE A 144 5.65 -26.05 2.64
C PHE A 144 5.25 -27.43 3.17
N ILE A 145 4.16 -27.49 3.94
CA ILE A 145 3.65 -28.76 4.47
C ILE A 145 2.14 -28.84 4.23
N GLU A 146 1.73 -30.01 3.73
CA GLU A 146 0.34 -30.34 3.49
C GLU A 146 -0.23 -31.04 4.73
N THR A 147 -1.37 -30.55 5.21
CA THR A 147 -2.00 -31.02 6.44
C THR A 147 -3.46 -31.40 6.19
N SER A 148 -4.00 -32.21 7.12
CA SER A 148 -5.43 -32.44 7.28
C SER A 148 -5.78 -32.43 8.77
N ALA A 149 -6.46 -31.37 9.21
CA ALA A 149 -6.99 -31.28 10.57
C ALA A 149 -7.97 -32.44 10.82
N LYS A 150 -8.66 -32.93 9.79
CA LYS A 150 -9.61 -34.06 9.93
C LYS A 150 -8.90 -35.36 10.29
N THR A 151 -7.83 -35.71 9.55
CA THR A 151 -7.17 -37.01 9.71
C THR A 151 -5.91 -36.91 10.58
N ARG A 152 -5.52 -35.68 10.95
CA ARG A 152 -4.29 -35.37 11.70
C ARG A 152 -3.06 -35.39 10.78
N GLN A 153 -3.26 -35.54 9.47
CA GLN A 153 -2.14 -35.65 8.53
C GLN A 153 -1.29 -34.38 8.61
N GLY A 154 -0.01 -34.54 8.95
CA GLY A 154 1.00 -33.50 8.82
C GLY A 154 0.90 -32.39 9.84
N VAL A 155 -0.03 -32.49 10.80
CA VAL A 155 -0.30 -31.42 11.78
C VAL A 155 0.91 -31.25 12.71
N ASP A 156 1.36 -32.35 13.32
CA ASP A 156 2.53 -32.33 14.18
C ASP A 156 3.72 -31.77 13.39
N ASP A 157 3.91 -32.27 12.17
CA ASP A 157 5.00 -31.87 11.29
C ASP A 157 4.92 -30.35 11.01
N ALA A 158 3.70 -29.84 10.80
CA ALA A 158 3.48 -28.41 10.52
C ALA A 158 4.03 -27.54 11.66
N PHE A 159 3.58 -27.81 12.89
CA PHE A 159 3.94 -26.98 14.03
C PHE A 159 5.40 -27.21 14.43
N TYR A 160 5.88 -28.45 14.36
CA TYR A 160 7.25 -28.79 14.78
C TYR A 160 8.26 -28.21 13.80
N THR A 161 7.98 -28.33 12.50
CA THR A 161 8.79 -27.70 11.46
C THR A 161 8.97 -26.21 11.79
N LEU A 162 7.88 -25.55 12.19
CA LEU A 162 7.93 -24.13 12.56
C LEU A 162 8.87 -23.93 13.74
N VAL A 163 8.74 -24.77 14.77
CA VAL A 163 9.59 -24.70 15.93
C VAL A 163 11.05 -24.88 15.48
N ARG A 164 11.31 -25.83 14.58
CA ARG A 164 12.64 -26.02 14.02
C ARG A 164 13.09 -24.76 13.25
N GLU A 165 12.16 -24.12 12.53
CA GLU A 165 12.49 -22.88 11.81
C GLU A 165 12.90 -21.80 12.83
N ILE A 166 12.16 -21.70 13.93
CA ILE A 166 12.44 -20.69 14.97
C ILE A 166 13.83 -20.99 15.58
N ARG A 167 14.13 -22.28 15.77
CA ARG A 167 15.42 -22.70 16.34
C ARG A 167 16.57 -22.23 15.43
N LYS A 168 16.39 -22.36 14.10
CA LYS A 168 17.42 -22.01 13.12
C LYS A 168 17.79 -20.52 13.23
N HIS A 169 16.79 -19.67 13.50
CA HIS A 169 16.93 -18.20 13.45
C HIS A 169 17.38 -17.62 14.79
N LYS A 170 17.59 -18.48 15.81
CA LYS A 170 18.13 -18.09 17.11
C LYS A 170 19.64 -18.38 17.15
N ASN B 4 6.28 12.37 10.63
CA ASN B 4 6.72 11.36 9.62
C ASN B 4 5.59 11.04 8.63
N SER B 5 4.34 11.01 9.12
CA SER B 5 3.16 10.80 8.28
C SER B 5 2.94 12.01 7.36
N LEU B 6 2.44 11.75 6.15
CA LEU B 6 2.13 12.78 5.17
C LEU B 6 0.63 13.11 5.19
N GLU B 7 -0.09 12.72 6.24
CA GLU B 7 -1.53 13.02 6.37
C GLU B 7 -1.84 13.63 7.75
N ILE B 8 -0.82 14.21 8.41
CA ILE B 8 -0.95 14.77 9.76
C ILE B 8 -1.93 15.95 9.75
N GLU B 9 -1.69 16.92 8.87
CA GLU B 9 -2.51 18.13 8.78
C GLU B 9 -3.97 17.73 8.45
N GLU B 10 -4.11 16.76 7.55
CA GLU B 10 -5.41 16.24 7.12
C GLU B 10 -6.17 15.62 8.31
N LEU B 11 -5.51 14.74 9.06
CA LEU B 11 -6.15 14.06 10.19
C LEU B 11 -6.54 15.09 11.28
N ALA B 12 -5.75 16.16 11.40
CA ALA B 12 -5.98 17.24 12.34
C ALA B 12 -7.25 18.01 11.95
N ARG B 13 -7.36 18.37 10.65
CA ARG B 13 -8.54 19.02 10.13
C ARG B 13 -9.77 18.14 10.40
N PHE B 14 -9.64 16.83 10.10
CA PHE B 14 -10.71 15.86 10.37
C PHE B 14 -11.14 15.94 11.85
N ALA B 15 -10.16 16.04 12.75
CA ALA B 15 -10.41 16.13 14.17
C ALA B 15 -11.27 17.36 14.47
N VAL B 16 -10.83 18.52 13.98
CA VAL B 16 -11.53 19.78 14.22
C VAL B 16 -12.95 19.67 13.67
N ASP B 17 -13.06 19.21 12.42
CA ASP B 17 -14.34 19.04 11.75
C ASP B 17 -15.25 18.16 12.59
N GLU B 18 -14.75 16.98 12.99
CA GLU B 18 -15.55 15.97 13.71
C GLU B 18 -15.98 16.54 15.07
N HIS B 19 -15.07 17.26 15.75
CA HIS B 19 -15.40 17.96 16.98
C HIS B 19 -16.56 18.94 16.75
N ASN B 20 -16.39 19.83 15.76
CA ASN B 20 -17.39 20.87 15.41
C ASN B 20 -18.75 20.21 15.15
N LYS B 21 -18.73 19.18 14.31
CA LYS B 21 -19.88 18.36 13.95
C LYS B 21 -20.59 17.86 15.22
N LYS B 22 -19.83 17.17 16.08
CA LYS B 22 -20.36 16.50 17.28
C LYS B 22 -20.81 17.53 18.33
N GLU B 23 -20.00 18.58 18.51
CA GLU B 23 -20.11 19.47 19.66
C GLU B 23 -20.77 20.80 19.28
N ASN B 24 -21.35 20.87 18.08
CA ASN B 24 -22.00 22.09 17.59
C ASN B 24 -21.06 23.28 17.80
N ALA B 25 -19.82 23.14 17.33
CA ALA B 25 -18.77 24.16 17.50
C ALA B 25 -18.36 24.71 16.12
N LEU B 26 -17.47 25.71 16.14
CA LEU B 26 -16.92 26.34 14.93
C LEU B 26 -15.47 26.75 15.18
N LEU B 27 -14.65 25.78 15.65
CA LEU B 27 -13.21 25.97 15.73
C LEU B 27 -12.65 26.02 14.31
N GLU B 28 -11.71 26.95 14.06
CA GLU B 28 -10.98 27.03 12.78
C GLU B 28 -9.58 26.44 12.99
N PHE B 29 -9.30 25.34 12.31
CA PHE B 29 -8.00 24.70 12.35
C PHE B 29 -6.93 25.69 11.87
N VAL B 30 -5.82 25.79 12.62
CA VAL B 30 -4.71 26.64 12.24
C VAL B 30 -3.55 25.74 11.77
N ARG B 31 -3.01 24.91 12.67
CA ARG B 31 -1.88 24.04 12.33
C ARG B 31 -1.65 22.99 13.42
N VAL B 32 -0.77 22.02 13.11
CA VAL B 32 -0.31 21.01 14.04
C VAL B 32 1.02 21.46 14.64
N VAL B 33 1.11 21.43 15.99
CA VAL B 33 2.34 21.80 16.71
C VAL B 33 3.12 20.53 17.11
N LYS B 34 2.40 19.45 17.45
CA LYS B 34 3.03 18.16 17.76
C LYS B 34 2.17 17.02 17.22
N ALA B 35 2.84 15.92 16.86
CA ALA B 35 2.20 14.72 16.37
C ALA B 35 3.02 13.49 16.80
N LYS B 36 2.31 12.44 17.22
CA LYS B 36 2.92 11.15 17.54
C LYS B 36 2.01 10.05 16.98
N GLU B 37 2.62 8.91 16.69
CA GLU B 37 2.00 7.78 16.02
C GLU B 37 2.12 6.53 16.90
N GLN B 38 1.05 5.73 16.95
CA GLN B 38 1.10 4.38 17.49
C GLN B 38 0.62 3.41 16.41
N HIS B 39 1.58 2.84 15.67
CA HIS B 39 1.32 2.03 14.50
C HIS B 39 1.20 0.56 14.90
N SER B 40 0.08 -0.07 14.51
CA SER B 40 -0.17 -1.49 14.70
C SER B 40 -0.35 -2.21 13.36
N ILE B 41 0.72 -2.88 12.91
CA ILE B 41 0.68 -3.75 11.74
C ILE B 41 -0.03 -5.06 12.15
N ASP B 42 -1.21 -5.30 11.56
CA ASP B 42 -2.05 -6.44 11.89
C ASP B 42 -2.00 -7.45 10.73
N ILE B 43 -2.65 -8.60 10.92
CA ILE B 43 -2.60 -9.72 9.98
C ILE B 43 -3.13 -9.31 8.59
N TRP B 44 -4.03 -8.32 8.53
CA TRP B 44 -4.56 -7.81 7.24
C TRP B 44 -4.41 -6.29 7.13
N TYR B 45 -5.08 -5.56 8.03
CA TYR B 45 -5.10 -4.11 8.04
C TYR B 45 -3.92 -3.59 8.85
N ASP B 46 -3.65 -2.29 8.67
CA ASP B 46 -2.82 -1.50 9.56
C ASP B 46 -3.76 -0.58 10.36
N PHE B 47 -3.52 -0.48 11.66
CA PHE B 47 -4.24 0.39 12.56
C PHE B 47 -3.24 1.36 13.21
N THR B 48 -3.59 2.65 13.25
CA THR B 48 -2.73 3.67 13.79
C THR B 48 -3.55 4.58 14.72
N MET B 49 -3.02 4.83 15.92
CA MET B 49 -3.50 5.89 16.78
C MET B 49 -2.58 7.11 16.63
N TYR B 50 -3.16 8.21 16.17
CA TYR B 50 -2.48 9.48 16.04
C TYR B 50 -2.79 10.36 17.27
N TYR B 51 -1.72 10.89 17.87
CA TYR B 51 -1.80 11.82 18.98
C TYR B 51 -1.31 13.18 18.48
N LEU B 52 -2.26 14.11 18.30
CA LEU B 52 -1.98 15.38 17.70
C LEU B 52 -2.22 16.50 18.72
N THR B 53 -1.28 17.44 18.78
CA THR B 53 -1.49 18.73 19.40
C THR B 53 -1.60 19.77 18.29
N LEU B 54 -2.79 20.39 18.17
CA LEU B 54 -3.09 21.35 17.11
C LEU B 54 -3.51 22.69 17.71
N GLU B 55 -3.29 23.76 16.96
CA GLU B 55 -3.79 25.10 17.26
C GLU B 55 -5.10 25.31 16.47
N ALA B 56 -6.13 25.78 17.17
CA ALA B 56 -7.40 26.14 16.54
C ALA B 56 -7.92 27.44 17.16
N LYS B 57 -8.74 28.17 16.40
CA LYS B 57 -9.32 29.44 16.83
C LYS B 57 -10.78 29.19 17.25
N ASP B 58 -11.13 29.68 18.45
CA ASP B 58 -12.46 29.53 19.04
C ASP B 58 -13.11 30.90 19.09
N GLY B 59 -13.98 31.17 18.11
CA GLY B 59 -14.56 32.48 17.91
C GLY B 59 -13.52 33.58 18.07
N GLY B 60 -12.35 33.38 17.43
CA GLY B 60 -11.26 34.38 17.44
C GLY B 60 -10.00 33.87 18.11
N LYS B 61 -10.09 33.47 19.39
CA LYS B 61 -8.89 33.25 20.23
C LYS B 61 -8.27 31.90 19.92
N LYS B 62 -6.92 31.89 19.81
CA LYS B 62 -6.14 30.70 19.51
C LYS B 62 -6.01 29.82 20.75
N LYS B 63 -6.44 28.55 20.64
CA LYS B 63 -6.32 27.57 21.71
C LYS B 63 -5.63 26.31 21.16
N LEU B 64 -5.03 25.55 22.08
CA LEU B 64 -4.45 24.25 21.78
C LEU B 64 -5.44 23.14 22.16
N TYR B 65 -5.45 22.09 21.35
CA TYR B 65 -6.26 20.92 21.59
C TYR B 65 -5.41 19.67 21.33
N GLU B 66 -5.52 18.69 22.23
CA GLU B 66 -4.95 17.35 22.02
C GLU B 66 -6.04 16.45 21.48
N ALA B 67 -5.77 15.83 20.33
CA ALA B 67 -6.69 14.97 19.66
C ALA B 67 -6.05 13.59 19.50
N LYS B 68 -6.88 12.56 19.67
CA LYS B 68 -6.54 11.20 19.34
C LYS B 68 -7.41 10.80 18.15
N VAL B 69 -6.76 10.29 17.10
CA VAL B 69 -7.45 9.83 15.90
C VAL B 69 -7.03 8.39 15.57
N TRP B 70 -8.05 7.56 15.33
CA TRP B 70 -7.87 6.15 15.11
C TRP B 70 -8.14 5.84 13.63
N VAL B 71 -7.17 5.18 12.99
CA VAL B 71 -7.14 4.99 11.55
C VAL B 71 -6.90 3.50 11.23
N LYS B 72 -7.88 2.89 10.57
CA LYS B 72 -7.78 1.58 9.93
C LYS B 72 -7.50 1.80 8.43
N LYS B 73 -6.42 1.18 7.94
CA LYS B 73 -5.95 1.38 6.56
C LYS B 73 -5.38 0.06 6.03
N LEU B 74 -5.64 -0.22 4.74
CA LEU B 74 -5.29 -1.49 4.07
C LEU B 74 -4.16 -1.25 3.08
N ASN B 75 -3.25 -2.25 2.93
CA ASN B 75 -2.13 -2.21 1.98
C ASN B 75 -2.19 -3.43 1.04
N ASN B 76 -3.39 -3.76 0.57
CA ASN B 76 -3.63 -4.80 -0.46
C ASN B 76 -4.87 -4.49 -1.32
N SER B 77 -5.53 -3.34 -1.08
CA SER B 77 -6.79 -2.94 -1.78
C SER B 77 -7.22 -1.55 -1.29
N HIS B 78 -7.38 -0.59 -2.22
CA HIS B 78 -7.54 0.83 -1.89
C HIS B 78 -8.91 1.09 -1.25
N THR B 79 -8.90 1.85 -0.14
CA THR B 79 -10.08 2.48 0.46
C THR B 79 -11.12 1.41 0.85
N TYR B 80 -12.37 1.85 1.03
CA TYR B 80 -13.57 1.00 1.21
C TYR B 80 -13.58 0.37 2.61
N LYS B 81 -12.57 -0.46 2.91
CA LYS B 81 -12.38 -1.00 4.27
C LYS B 81 -11.28 -0.20 4.99
N ASN B 82 -11.09 1.06 4.59
CA ASN B 82 -10.38 2.06 5.40
C ASN B 82 -11.39 2.71 6.36
N PHE B 83 -10.89 3.41 7.38
CA PHE B 83 -11.73 3.99 8.41
C PHE B 83 -10.91 4.99 9.23
N LYS B 84 -11.61 6.01 9.75
CA LYS B 84 -11.05 7.16 10.44
C LYS B 84 -12.04 7.57 11.54
N GLU B 85 -11.53 7.82 12.76
CA GLU B 85 -12.39 8.04 13.94
C GLU B 85 -11.67 8.91 14.97
N LEU B 86 -12.32 10.02 15.35
CA LEU B 86 -11.91 10.84 16.48
C LEU B 86 -12.31 10.10 17.76
N GLN B 87 -11.32 9.90 18.65
CA GLN B 87 -11.53 9.19 19.91
C GLN B 87 -11.52 10.18 21.08
N GLU B 88 -10.69 11.23 20.98
CA GLU B 88 -10.53 12.22 22.03
C GLU B 88 -10.13 13.56 21.39
N PHE B 89 -10.60 14.64 22.02
CA PHE B 89 -10.36 16.01 21.61
C PHE B 89 -10.59 16.91 22.82
N LYS B 90 -9.51 17.42 23.41
CA LYS B 90 -9.65 18.16 24.63
C LYS B 90 -8.71 19.37 24.60
N PRO B 91 -9.21 20.55 25.05
CA PRO B 91 -8.37 21.74 25.21
C PRO B 91 -7.22 21.54 26.19
N VAL B 92 -6.12 22.25 25.96
CA VAL B 92 -4.98 22.29 26.84
C VAL B 92 -4.46 23.74 26.86
N MET C 4 11.93 35.88 -17.27
CA MET C 4 10.60 35.23 -17.32
C MET C 4 10.59 33.98 -16.41
N THR C 5 9.67 33.96 -15.44
CA THR C 5 9.61 32.92 -14.43
C THR C 5 8.94 31.68 -15.04
N GLU C 6 9.57 30.51 -14.87
CA GLU C 6 9.03 29.24 -15.36
C GLU C 6 8.34 28.51 -14.20
N TYR C 7 7.12 28.01 -14.44
CA TYR C 7 6.39 27.16 -13.51
C TYR C 7 6.10 25.81 -14.19
N LYS C 8 6.60 24.74 -13.56
CA LYS C 8 6.48 23.38 -14.05
C LYS C 8 5.24 22.72 -13.42
N LEU C 9 4.22 22.47 -14.25
CA LEU C 9 2.91 21.95 -13.85
C LEU C 9 2.78 20.52 -14.39
N VAL C 10 1.92 19.70 -13.75
CA VAL C 10 1.66 18.33 -14.13
C VAL C 10 0.17 18.06 -13.92
N VAL C 11 -0.51 17.64 -14.99
CA VAL C 11 -1.95 17.35 -14.96
C VAL C 11 -2.11 15.84 -14.80
N VAL C 12 -2.90 15.42 -13.81
CA VAL C 12 -3.09 14.01 -13.50
C VAL C 12 -4.58 13.74 -13.27
N GLY C 13 -4.97 12.47 -13.40
CA GLY C 13 -6.35 12.05 -13.26
C GLY C 13 -6.59 10.79 -14.04
N ALA C 14 -7.68 10.09 -13.70
CA ALA C 14 -8.11 8.87 -14.41
C ALA C 14 -8.25 9.16 -15.91
N GLY C 15 -8.18 8.08 -16.68
CA GLY C 15 -8.43 8.12 -18.11
C GLY C 15 -9.78 8.73 -18.41
N GLY C 16 -9.81 9.72 -19.30
CA GLY C 16 -11.05 10.24 -19.85
C GLY C 16 -11.71 11.31 -18.98
N VAL C 17 -10.94 11.95 -18.08
CA VAL C 17 -11.49 13.02 -17.21
C VAL C 17 -11.38 14.39 -17.90
N GLY C 18 -10.49 14.49 -18.88
CA GLY C 18 -10.36 15.72 -19.67
C GLY C 18 -9.01 16.40 -19.52
N LYS C 19 -7.98 15.62 -19.15
CA LYS C 19 -6.64 16.16 -18.94
C LYS C 19 -6.15 16.83 -20.23
N SER C 20 -6.27 16.11 -21.35
CA SER C 20 -5.77 16.58 -22.62
C SER C 20 -6.63 17.75 -23.11
N ALA C 21 -7.95 17.60 -23.05
CA ALA C 21 -8.89 18.63 -23.46
C ALA C 21 -8.63 19.94 -22.69
N LEU C 22 -8.38 19.83 -21.38
CA LEU C 22 -8.10 20.99 -20.50
C LEU C 22 -6.81 21.71 -20.94
N THR C 23 -5.76 20.92 -21.15
CA THR C 23 -4.44 21.43 -21.51
C THR C 23 -4.53 22.13 -22.87
N ILE C 24 -5.21 21.48 -23.82
CA ILE C 24 -5.32 22.00 -25.19
C ILE C 24 -6.22 23.25 -25.21
N GLN C 25 -7.23 23.31 -24.34
CA GLN C 25 -8.03 24.55 -24.21
C GLN C 25 -7.14 25.68 -23.73
N LEU C 26 -6.37 25.43 -22.67
CA LEU C 26 -5.50 26.45 -22.11
C LEU C 26 -4.52 26.96 -23.19
N ILE C 27 -3.89 26.04 -23.92
CA ILE C 27 -2.79 26.34 -24.82
C ILE C 27 -3.32 26.94 -26.14
N GLN C 28 -4.34 26.29 -26.73
CA GLN C 28 -4.72 26.53 -28.15
C GLN C 28 -6.13 27.12 -28.29
N ASN C 29 -6.89 27.22 -27.20
CA ASN C 29 -8.17 27.93 -27.16
C ASN C 29 -9.22 27.25 -28.04
N HIS C 30 -9.24 25.92 -28.07
CA HIS C 30 -10.35 25.19 -28.64
C HIS C 30 -10.52 23.84 -27.91
N PHE C 31 -11.67 23.21 -28.16
CA PHE C 31 -12.05 21.96 -27.54
C PHE C 31 -11.74 20.81 -28.51
N VAL C 32 -11.08 19.76 -28.02
CA VAL C 32 -10.83 18.59 -28.81
C VAL C 32 -11.76 17.47 -28.34
N ASP C 33 -12.54 16.93 -29.27
CA ASP C 33 -13.50 15.87 -28.97
C ASP C 33 -12.80 14.53 -28.79
N GLU C 34 -11.72 14.32 -29.55
CA GLU C 34 -10.97 13.08 -29.49
C GLU C 34 -9.48 13.41 -29.63
N TYR C 35 -8.71 12.94 -28.64
CA TYR C 35 -7.27 13.09 -28.56
C TYR C 35 -6.72 11.78 -27.99
N ASP C 36 -5.83 11.15 -28.77
CA ASP C 36 -5.30 9.82 -28.52
C ASP C 36 -5.07 9.67 -27.02
N PRO C 37 -5.83 8.80 -26.32
CA PRO C 37 -5.70 8.68 -24.87
C PRO C 37 -4.32 8.19 -24.39
N THR C 38 -3.47 7.69 -25.28
CA THR C 38 -2.15 7.17 -24.92
C THR C 38 -1.08 8.25 -25.05
N ILE C 39 -1.37 9.38 -25.72
CA ILE C 39 -0.35 10.42 -25.95
C ILE C 39 -0.14 11.22 -24.67
N GLU C 40 1.12 11.24 -24.24
CA GLU C 40 1.63 12.07 -23.19
C GLU C 40 2.59 13.07 -23.82
N ASP C 41 2.39 14.35 -23.51
CA ASP C 41 3.21 15.39 -24.11
C ASP C 41 3.23 16.61 -23.20
N SER C 42 4.29 17.42 -23.36
CA SER C 42 4.46 18.63 -22.61
C SER C 42 4.18 19.83 -23.53
N TYR C 43 3.75 20.93 -22.92
CA TYR C 43 3.41 22.16 -23.60
C TYR C 43 3.98 23.34 -22.80
N ARG C 44 4.43 24.38 -23.51
CA ARG C 44 4.85 25.62 -22.89
C ARG C 44 3.98 26.77 -23.40
N LYS C 45 3.46 27.58 -22.48
CA LYS C 45 2.63 28.74 -22.80
C LYS C 45 3.11 29.96 -22.02
N GLN C 46 3.18 31.12 -22.69
CA GLN C 46 3.38 32.41 -22.02
C GLN C 46 2.02 32.92 -21.52
N VAL C 47 1.97 33.39 -20.27
CA VAL C 47 0.77 33.98 -19.70
C VAL C 47 1.19 35.18 -18.84
N VAL C 48 0.19 35.99 -18.47
CA VAL C 48 0.33 37.03 -17.46
C VAL C 48 -0.61 36.66 -16.32
N ILE C 49 -0.07 36.58 -15.10
CA ILE C 49 -0.85 36.29 -13.90
C ILE C 49 -0.47 37.33 -12.84
N ASP C 50 -1.46 38.15 -12.45
CA ASP C 50 -1.29 39.22 -11.45
C ASP C 50 -0.10 40.11 -11.80
N GLY C 51 0.07 40.39 -13.10
CA GLY C 51 1.07 41.36 -13.58
C GLY C 51 2.38 40.72 -14.02
N GLU C 52 2.66 39.49 -13.58
CA GLU C 52 3.93 38.80 -13.91
C GLU C 52 3.74 37.96 -15.18
N THR C 53 4.74 38.01 -16.06
CA THR C 53 4.79 37.17 -17.25
C THR C 53 5.41 35.82 -16.87
N CYS C 54 4.61 34.75 -16.99
CA CYS C 54 5.06 33.40 -16.69
C CYS C 54 5.19 32.59 -17.97
N LEU C 55 5.98 31.52 -17.86
CA LEU C 55 5.97 30.44 -18.80
C LEU C 55 5.48 29.20 -18.05
N LEU C 56 4.32 28.67 -18.46
CA LEU C 56 3.79 27.43 -17.91
C LEU C 56 4.27 26.22 -18.73
N ASP C 57 5.11 25.40 -18.10
CA ASP C 57 5.62 24.16 -18.69
C ASP C 57 4.77 23.00 -18.15
N ILE C 58 3.87 22.47 -18.99
CA ILE C 58 2.78 21.61 -18.55
C ILE C 58 2.99 20.22 -19.17
N LEU C 59 2.97 19.18 -18.33
CA LEU C 59 2.89 17.79 -18.78
C LEU C 59 1.46 17.29 -18.68
N ASP C 60 0.89 16.90 -19.83
CA ASP C 60 -0.37 16.20 -19.93
C ASP C 60 -0.09 14.69 -19.83
N THR C 61 -0.29 14.12 -18.63
CA THR C 61 0.13 12.76 -18.35
C THR C 61 -0.87 11.78 -18.99
N ALA C 62 -0.31 10.66 -19.48
CA ALA C 62 -1.09 9.59 -20.06
C ALA C 62 -0.31 8.28 -19.90
N GLY C 63 -1.05 7.17 -19.84
CA GLY C 63 -0.48 5.83 -19.78
C GLY C 63 0.14 5.54 -18.41
N GLN C 64 -0.70 5.46 -17.38
CA GLN C 64 -0.21 5.25 -16.02
C GLN C 64 0.23 3.79 -15.80
N GLU C 65 -0.10 2.88 -16.74
CA GLU C 65 0.23 1.47 -16.60
C GLU C 65 1.73 1.21 -16.87
N GLU C 66 2.37 2.07 -17.69
CA GLU C 66 3.76 1.86 -18.06
C GLU C 66 4.62 3.01 -17.53
N TYR C 67 5.88 2.71 -17.23
CA TYR C 67 6.86 3.69 -16.81
C TYR C 67 7.09 4.71 -17.94
N SER C 68 7.19 5.98 -17.56
CA SER C 68 7.52 7.06 -18.47
C SER C 68 8.64 7.90 -17.85
N ALA C 69 9.76 8.02 -18.58
CA ALA C 69 10.96 8.72 -18.11
C ALA C 69 10.68 10.23 -17.96
N MET C 70 9.94 10.80 -18.92
CA MET C 70 9.60 12.23 -18.86
C MET C 70 8.67 12.48 -17.67
N ARG C 71 7.68 11.60 -17.46
CA ARG C 71 6.71 11.77 -16.38
C ARG C 71 7.43 11.65 -15.03
N ASP C 72 8.44 10.78 -14.97
CA ASP C 72 9.27 10.58 -13.80
C ASP C 72 10.04 11.88 -13.47
N GLN C 73 10.56 12.55 -14.50
CA GLN C 73 11.28 13.85 -14.34
C GLN C 73 10.33 14.91 -13.79
N TYR C 74 9.10 14.96 -14.32
CA TYR C 74 8.12 15.98 -13.96
C TYR C 74 7.56 15.74 -12.55
N MET C 75 7.46 14.46 -12.14
CA MET C 75 7.07 14.13 -10.78
C MET C 75 8.12 14.64 -9.79
N ARG C 76 9.40 14.41 -10.11
CA ARG C 76 10.52 14.84 -9.29
C ARG C 76 10.61 16.37 -9.26
N THR C 77 10.54 17.01 -10.44
CA THR C 77 10.90 18.43 -10.59
C THR C 77 9.66 19.33 -10.63
N GLY C 78 8.48 18.74 -10.88
CA GLY C 78 7.23 19.51 -10.96
C GLY C 78 6.95 20.26 -9.67
N GLU C 79 6.44 21.49 -9.80
CA GLU C 79 6.20 22.39 -8.68
C GLU C 79 4.72 22.41 -8.31
N GLY C 80 3.85 22.06 -9.27
CA GLY C 80 2.41 22.15 -9.06
C GLY C 80 1.69 21.05 -9.82
N PHE C 81 0.62 20.53 -9.20
CA PHE C 81 -0.12 19.40 -9.71
C PHE C 81 -1.59 19.78 -9.79
N LEU C 82 -2.15 19.58 -10.98
CA LEU C 82 -3.56 19.64 -11.24
C LEU C 82 -4.14 18.24 -11.11
N CYS C 83 -4.97 18.03 -10.09
CA CYS C 83 -5.59 16.74 -9.88
C CYS C 83 -7.03 16.78 -10.38
N VAL C 84 -7.27 16.08 -11.50
CA VAL C 84 -8.50 16.23 -12.26
C VAL C 84 -9.35 14.97 -12.15
N PHE C 85 -10.64 15.18 -11.87
CA PHE C 85 -11.70 14.18 -11.94
C PHE C 85 -12.82 14.77 -12.81
N ALA C 86 -13.71 13.90 -13.29
CA ALA C 86 -14.90 14.32 -14.01
C ALA C 86 -16.11 14.21 -13.07
N ILE C 87 -17.00 15.21 -13.14
CA ILE C 87 -18.08 15.36 -12.16
C ILE C 87 -19.23 14.37 -12.46
N ASN C 88 -19.12 13.61 -13.54
CA ASN C 88 -20.12 12.61 -13.90
C ASN C 88 -19.55 11.20 -13.71
N ASN C 89 -18.35 11.10 -13.10
CA ASN C 89 -17.66 9.83 -12.90
C ASN C 89 -17.12 9.75 -11.47
N THR C 90 -17.82 8.99 -10.62
CA THR C 90 -17.53 8.82 -9.18
C THR C 90 -16.18 8.11 -8.99
N LYS C 91 -15.90 7.12 -9.84
CA LYS C 91 -14.62 6.40 -9.80
C LYS C 91 -13.45 7.38 -9.94
N SER C 92 -13.56 8.37 -10.84
CA SER C 92 -12.49 9.33 -11.07
C SER C 92 -12.25 10.19 -9.82
N PHE C 93 -13.32 10.55 -9.11
CA PHE C 93 -13.25 11.33 -7.88
C PHE C 93 -12.58 10.48 -6.78
N GLU C 94 -12.90 9.19 -6.76
CA GLU C 94 -12.30 8.25 -5.80
C GLU C 94 -10.80 8.11 -6.04
N ASP C 95 -10.36 8.18 -7.30
CA ASP C 95 -8.95 7.94 -7.65
C ASP C 95 -8.08 9.09 -7.18
N ILE C 96 -8.69 10.25 -6.91
CA ILE C 96 -7.98 11.46 -6.52
C ILE C 96 -7.13 11.18 -5.28
N HIS C 97 -7.71 10.42 -4.34
CA HIS C 97 -7.08 10.15 -3.08
C HIS C 97 -5.68 9.56 -3.38
N HIS C 98 -5.62 8.55 -4.25
CA HIS C 98 -4.36 7.88 -4.57
C HIS C 98 -3.42 8.77 -5.40
N TYR C 99 -3.96 9.63 -6.28
CA TYR C 99 -3.10 10.51 -7.08
C TYR C 99 -2.36 11.49 -6.17
N ARG C 100 -3.09 12.09 -5.22
CA ARG C 100 -2.55 12.97 -4.20
C ARG C 100 -1.49 12.22 -3.36
N GLU C 101 -1.79 10.99 -2.96
CA GLU C 101 -0.86 10.18 -2.14
C GLU C 101 0.50 10.05 -2.86
N GLN C 102 0.46 9.73 -4.15
CA GLN C 102 1.69 9.50 -4.92
C GLN C 102 2.51 10.80 -5.02
N ILE C 103 1.81 11.92 -5.25
CA ILE C 103 2.45 13.24 -5.36
C ILE C 103 3.04 13.69 -4.02
N LYS C 104 2.36 13.40 -2.91
CA LYS C 104 2.89 13.70 -1.58
C LYS C 104 4.14 12.84 -1.32
N ARG C 105 4.07 11.56 -1.69
CA ARG C 105 5.16 10.60 -1.47
C ARG C 105 6.42 11.01 -2.26
N VAL C 106 6.24 11.48 -3.50
CA VAL C 106 7.36 11.80 -4.38
C VAL C 106 8.07 13.05 -3.83
N LYS C 107 7.33 13.97 -3.22
CA LYS C 107 7.87 15.18 -2.62
C LYS C 107 8.23 14.95 -1.15
N ASP C 108 7.80 13.81 -0.59
CA ASP C 108 7.89 13.51 0.85
C ASP C 108 7.37 14.70 1.66
N SER C 109 6.18 15.19 1.30
CA SER C 109 5.60 16.37 1.92
C SER C 109 4.08 16.41 1.67
N GLU C 110 3.36 16.91 2.68
CA GLU C 110 1.92 17.11 2.64
C GLU C 110 1.61 18.48 2.01
N ASP C 111 2.61 19.36 1.97
CA ASP C 111 2.46 20.74 1.50
C ASP C 111 3.02 20.88 0.07
N VAL C 112 2.33 20.28 -0.90
CA VAL C 112 2.70 20.36 -2.31
C VAL C 112 1.66 21.24 -3.00
N PRO C 113 2.05 22.28 -3.78
CA PRO C 113 1.07 23.08 -4.52
C PRO C 113 0.24 22.16 -5.42
N MET C 114 -1.08 22.23 -5.24
CA MET C 114 -2.00 21.31 -5.82
C MET C 114 -3.37 21.97 -5.87
N VAL C 115 -4.13 21.66 -6.92
CA VAL C 115 -5.49 22.12 -7.09
C VAL C 115 -6.35 20.92 -7.51
N LEU C 116 -7.53 20.81 -6.90
CA LEU C 116 -8.53 19.83 -7.28
C LEU C 116 -9.41 20.42 -8.38
N VAL C 117 -9.52 19.71 -9.49
CA VAL C 117 -10.27 20.17 -10.63
C VAL C 117 -11.39 19.16 -10.92
N GLY C 118 -12.64 19.64 -10.82
CA GLY C 118 -13.81 18.90 -11.24
C GLY C 118 -14.25 19.34 -12.64
N ASN C 119 -13.94 18.49 -13.63
CA ASN C 119 -14.10 18.82 -15.05
C ASN C 119 -15.44 18.27 -15.57
N LYS C 120 -15.87 18.81 -16.74
CA LYS C 120 -17.10 18.49 -17.47
C LYS C 120 -18.31 19.12 -16.75
N CYS C 121 -18.11 20.31 -16.18
CA CYS C 121 -19.17 20.98 -15.41
CA CYS C 121 -19.17 20.99 -15.40
C CYS C 121 -20.23 21.58 -16.35
N ASP C 122 -20.01 21.47 -17.66
CA ASP C 122 -21.06 21.80 -18.66
C ASP C 122 -22.17 20.75 -18.60
N LEU C 123 -21.85 19.53 -18.18
CA LEU C 123 -22.79 18.40 -18.18
C LEU C 123 -23.78 18.57 -17.02
N PRO C 124 -25.10 18.47 -17.26
CA PRO C 124 -26.09 18.37 -16.19
C PRO C 124 -26.02 17.08 -15.34
N SER C 125 -25.58 15.98 -15.94
CA SER C 125 -25.60 14.65 -15.31
C SER C 125 -24.46 14.52 -14.30
N ARG C 126 -24.57 15.21 -13.17
CA ARG C 126 -23.53 15.25 -12.14
C ARG C 126 -23.75 14.08 -11.17
N THR C 127 -22.65 13.41 -10.79
CA THR C 127 -22.69 12.33 -9.81
C THR C 127 -21.93 12.73 -8.53
N VAL C 128 -21.09 13.77 -8.64
CA VAL C 128 -20.29 14.29 -7.55
C VAL C 128 -20.73 15.74 -7.30
N ASP C 129 -21.40 15.96 -6.15
CA ASP C 129 -21.90 17.27 -5.76
C ASP C 129 -20.72 18.22 -5.60
N THR C 130 -20.93 19.50 -5.93
CA THR C 130 -19.96 20.57 -5.68
C THR C 130 -19.50 20.51 -4.22
N LYS C 131 -20.45 20.29 -3.30
CA LYS C 131 -20.17 20.36 -1.87
C LYS C 131 -19.14 19.29 -1.47
N GLN C 132 -19.32 18.05 -1.93
CA GLN C 132 -18.44 16.94 -1.49
C GLN C 132 -17.03 17.15 -2.06
N ALA C 133 -16.92 17.75 -3.25
CA ALA C 133 -15.61 18.07 -3.83
C ALA C 133 -14.97 19.23 -3.05
N GLN C 134 -15.78 20.21 -2.65
CA GLN C 134 -15.33 21.32 -1.78
C GLN C 134 -14.82 20.78 -0.45
N ASP C 135 -15.61 19.88 0.16
CA ASP C 135 -15.24 19.25 1.43
C ASP C 135 -13.87 18.56 1.28
N LEU C 136 -13.69 17.78 0.22
CA LEU C 136 -12.46 16.97 0.03
C LEU C 136 -11.24 17.91 -0.11
N ALA C 137 -11.38 18.94 -0.95
CA ALA C 137 -10.35 19.92 -1.15
C ALA C 137 -10.02 20.61 0.18
N ARG C 138 -11.05 20.96 0.96
CA ARG C 138 -10.87 21.59 2.27
C ARG C 138 -10.04 20.67 3.19
N SER C 139 -10.42 19.39 3.26
CA SER C 139 -9.74 18.41 4.09
C SER C 139 -8.26 18.31 3.68
N TYR C 140 -7.96 18.44 2.38
CA TYR C 140 -6.57 18.40 1.86
C TYR C 140 -5.85 19.74 2.07
N GLY C 141 -6.61 20.83 2.21
CA GLY C 141 -6.06 22.17 2.34
C GLY C 141 -5.70 22.80 0.99
N ILE C 142 -6.39 22.37 -0.09
CA ILE C 142 -6.09 22.82 -1.46
C ILE C 142 -7.33 23.47 -2.05
N PRO C 143 -7.18 24.38 -3.05
CA PRO C 143 -8.34 24.94 -3.76
C PRO C 143 -9.07 23.88 -4.61
N PHE C 144 -10.38 24.08 -4.77
CA PHE C 144 -11.21 23.33 -5.70
C PHE C 144 -11.75 24.27 -6.78
N ILE C 145 -11.55 23.91 -8.05
CA ILE C 145 -12.04 24.67 -9.20
C ILE C 145 -12.90 23.74 -10.08
N GLU C 146 -14.09 24.22 -10.44
CA GLU C 146 -14.94 23.55 -11.41
C GLU C 146 -14.59 24.04 -12.83
N THR C 147 -14.45 23.11 -13.77
CA THR C 147 -14.02 23.44 -15.13
C THR C 147 -14.87 22.71 -16.17
N SER C 148 -14.90 23.30 -17.36
CA SER C 148 -15.40 22.66 -18.56
C SER C 148 -14.41 22.95 -19.71
N ALA C 149 -13.71 21.91 -20.15
CA ALA C 149 -12.80 22.02 -21.29
C ALA C 149 -13.60 22.38 -22.55
N LYS C 150 -14.90 22.04 -22.56
CA LYS C 150 -15.77 22.29 -23.70
C LYS C 150 -16.14 23.77 -23.81
N THR C 151 -16.56 24.39 -22.70
CA THR C 151 -17.03 25.79 -22.75
C THR C 151 -15.94 26.76 -22.31
N ARG C 152 -14.80 26.22 -21.83
CA ARG C 152 -13.66 27.02 -21.34
C ARG C 152 -13.88 27.53 -19.91
N GLN C 153 -15.05 27.26 -19.33
CA GLN C 153 -15.39 27.72 -18.00
C GLN C 153 -14.31 27.25 -17.02
N GLY C 154 -13.75 28.22 -16.28
CA GLY C 154 -12.82 27.96 -15.17
C GLY C 154 -11.49 27.35 -15.61
N VAL C 155 -11.21 27.22 -16.91
CA VAL C 155 -9.98 26.54 -17.36
C VAL C 155 -8.76 27.39 -16.99
N ASP C 156 -8.79 28.68 -17.36
CA ASP C 156 -7.71 29.62 -17.03
C ASP C 156 -7.56 29.71 -15.50
N ASP C 157 -8.69 29.70 -14.80
CA ASP C 157 -8.75 29.83 -13.36
C ASP C 157 -8.01 28.66 -12.68
N ALA C 158 -8.24 27.44 -13.16
CA ALA C 158 -7.62 26.23 -12.55
C ALA C 158 -6.10 26.35 -12.59
N PHE C 159 -5.56 26.71 -13.76
CA PHE C 159 -4.13 26.81 -13.98
C PHE C 159 -3.57 28.04 -13.28
N TYR C 160 -4.32 29.15 -13.28
CA TYR C 160 -3.85 30.41 -12.68
C TYR C 160 -3.76 30.25 -11.16
N THR C 161 -4.79 29.62 -10.57
CA THR C 161 -4.85 29.29 -9.14
C THR C 161 -3.66 28.41 -8.75
N LEU C 162 -3.33 27.40 -9.57
CA LEU C 162 -2.20 26.50 -9.29
C LEU C 162 -0.91 27.31 -9.17
N VAL C 163 -0.71 28.24 -10.11
CA VAL C 163 0.48 29.09 -10.13
C VAL C 163 0.54 29.92 -8.84
N ARG C 164 -0.61 30.47 -8.42
CA ARG C 164 -0.69 31.28 -7.20
C ARG C 164 -0.37 30.41 -5.97
N GLU C 165 -0.83 29.15 -5.99
CA GLU C 165 -0.48 28.18 -4.94
C GLU C 165 1.05 27.98 -4.92
N ILE C 166 1.67 27.84 -6.09
CA ILE C 166 3.13 27.59 -6.17
C ILE C 166 3.90 28.81 -5.67
N ARG C 167 3.32 30.01 -5.87
CA ARG C 167 3.91 31.27 -5.47
C ARG C 167 3.91 31.39 -3.93
N LYS C 168 2.82 30.95 -3.30
CA LYS C 168 2.66 30.98 -1.85
C LYS C 168 3.68 30.06 -1.17
N HIS C 169 4.02 28.96 -1.86
CA HIS C 169 4.82 27.87 -1.32
C HIS C 169 6.29 28.28 -1.22
N LYS C 170 6.90 28.59 -2.38
CA LYS C 170 8.33 28.85 -2.53
C LYS C 170 8.80 29.84 -1.45
N SER D 5 13.79 -2.40 1.51
CA SER D 5 13.01 -3.52 0.92
C SER D 5 13.01 -4.74 1.85
N LEU D 6 11.91 -5.48 1.81
CA LEU D 6 11.72 -6.71 2.56
C LEU D 6 11.53 -7.87 1.58
N GLU D 7 12.02 -7.73 0.35
CA GLU D 7 11.92 -8.83 -0.60
C GLU D 7 13.24 -9.04 -1.36
N ILE D 8 14.36 -8.61 -0.75
CA ILE D 8 15.67 -8.60 -1.42
C ILE D 8 16.09 -10.04 -1.79
N GLU D 9 16.03 -10.96 -0.82
CA GLU D 9 16.36 -12.38 -1.08
C GLU D 9 15.42 -12.97 -2.13
N GLU D 10 14.12 -12.74 -1.95
CA GLU D 10 13.10 -13.22 -2.90
C GLU D 10 13.44 -12.77 -4.33
N LEU D 11 13.88 -11.51 -4.49
CA LEU D 11 14.14 -10.93 -5.81
C LEU D 11 15.44 -11.51 -6.40
N ALA D 12 16.43 -11.72 -5.53
CA ALA D 12 17.68 -12.37 -5.92
C ALA D 12 17.40 -13.80 -6.43
N ARG D 13 16.52 -14.51 -5.73
CA ARG D 13 16.10 -15.88 -6.09
C ARG D 13 15.40 -15.87 -7.44
N PHE D 14 14.42 -14.97 -7.59
CA PHE D 14 13.74 -14.74 -8.84
C PHE D 14 14.77 -14.57 -9.95
N ALA D 15 15.78 -13.72 -9.70
CA ALA D 15 16.79 -13.33 -10.69
C ALA D 15 17.58 -14.56 -11.16
N VAL D 16 17.96 -15.44 -10.22
CA VAL D 16 18.68 -16.68 -10.52
C VAL D 16 17.81 -17.60 -11.37
N ASP D 17 16.53 -17.74 -10.98
CA ASP D 17 15.57 -18.61 -11.69
C ASP D 17 15.41 -18.13 -13.14
N GLU D 18 15.38 -16.81 -13.33
CA GLU D 18 15.16 -16.20 -14.64
C GLU D 18 16.37 -16.42 -15.53
N HIS D 19 17.56 -16.13 -14.99
CA HIS D 19 18.83 -16.42 -15.67
C HIS D 19 18.86 -17.89 -16.09
N ASN D 20 18.57 -18.80 -15.15
CA ASN D 20 18.60 -20.26 -15.35
C ASN D 20 17.59 -20.70 -16.43
N LYS D 21 16.39 -20.10 -16.42
CA LYS D 21 15.37 -20.37 -17.42
C LYS D 21 15.88 -19.93 -18.81
N LYS D 22 16.38 -18.69 -18.91
CA LYS D 22 16.76 -18.05 -20.19
C LYS D 22 18.03 -18.69 -20.75
N GLU D 23 19.01 -19.01 -19.90
CA GLU D 23 20.33 -19.51 -20.33
C GLU D 23 20.40 -21.04 -20.19
N ASN D 24 19.28 -21.67 -19.82
CA ASN D 24 19.22 -23.11 -19.54
C ASN D 24 20.41 -23.51 -18.66
N ALA D 25 20.58 -22.78 -17.55
CA ALA D 25 21.67 -22.96 -16.60
C ALA D 25 21.12 -23.57 -15.31
N LEU D 26 22.01 -23.83 -14.33
CA LEU D 26 21.65 -24.46 -13.06
C LEU D 26 22.38 -23.79 -11.89
N LEU D 27 22.34 -22.46 -11.86
CA LEU D 27 22.91 -21.72 -10.74
C LEU D 27 22.02 -21.94 -9.50
N GLU D 28 22.66 -21.98 -8.32
CA GLU D 28 21.97 -22.11 -7.05
C GLU D 28 22.22 -20.86 -6.20
N PHE D 29 21.15 -20.08 -5.98
CA PHE D 29 21.18 -18.88 -5.14
C PHE D 29 21.63 -19.25 -3.73
N VAL D 30 22.57 -18.46 -3.19
CA VAL D 30 23.04 -18.64 -1.82
C VAL D 30 22.60 -17.44 -0.97
N ARG D 31 23.11 -16.26 -1.31
CA ARG D 31 22.75 -15.05 -0.57
C ARG D 31 23.06 -13.80 -1.41
N VAL D 32 22.56 -12.67 -0.91
CA VAL D 32 22.85 -11.34 -1.41
C VAL D 32 23.99 -10.75 -0.59
N VAL D 33 25.00 -10.18 -1.28
CA VAL D 33 26.18 -9.58 -0.62
C VAL D 33 26.20 -8.06 -0.79
N LYS D 34 25.46 -7.56 -1.78
CA LYS D 34 25.25 -6.12 -1.96
C LYS D 34 23.85 -5.89 -2.55
N ALA D 35 23.20 -4.79 -2.13
CA ALA D 35 21.90 -4.37 -2.64
C ALA D 35 21.87 -2.84 -2.75
N LYS D 36 21.31 -2.35 -3.91
CA LYS D 36 21.02 -0.92 -4.10
C LYS D 36 19.64 -0.79 -4.76
N GLU D 37 18.83 0.13 -4.22
CA GLU D 37 17.47 0.43 -4.68
C GLU D 37 17.50 1.77 -5.44
N GLN D 38 16.94 1.79 -6.65
CA GLN D 38 16.60 3.01 -7.38
C GLN D 38 15.08 3.06 -7.54
N HIS D 39 14.45 3.96 -6.76
CA HIS D 39 12.99 4.02 -6.63
C HIS D 39 12.44 5.19 -7.47
N SER D 40 11.41 4.91 -8.27
CA SER D 40 10.65 5.95 -8.95
C SER D 40 9.18 5.86 -8.53
N ILE D 41 8.72 6.88 -7.82
CA ILE D 41 7.29 7.03 -7.51
C ILE D 41 6.61 7.68 -8.72
N ASP D 42 5.63 6.98 -9.29
CA ASP D 42 4.92 7.40 -10.47
C ASP D 42 3.48 7.77 -10.05
N ILE D 43 2.68 8.24 -11.01
CA ILE D 43 1.36 8.81 -10.72
C ILE D 43 0.41 7.75 -10.13
N TRP D 44 0.62 6.47 -10.48
CA TRP D 44 -0.25 5.40 -9.98
C TRP D 44 0.58 4.30 -9.29
N TYR D 45 1.53 3.71 -10.03
CA TYR D 45 2.39 2.65 -9.54
C TYR D 45 3.73 3.22 -9.07
N ASP D 46 4.48 2.37 -8.39
CA ASP D 46 5.86 2.59 -8.04
C ASP D 46 6.75 1.65 -8.88
N PHE D 47 7.88 2.18 -9.36
CA PHE D 47 8.80 1.45 -10.20
C PHE D 47 10.17 1.51 -9.55
N THR D 48 10.78 0.34 -9.34
CA THR D 48 12.04 0.22 -8.63
C THR D 48 13.00 -0.66 -9.44
N MET D 49 14.21 -0.13 -9.67
CA MET D 49 15.33 -0.91 -10.19
C MET D 49 16.17 -1.41 -9.01
N TYR D 50 16.23 -2.74 -8.85
CA TYR D 50 17.07 -3.37 -7.82
C TYR D 50 18.40 -3.79 -8.46
N TYR D 51 19.49 -3.26 -7.90
CA TYR D 51 20.85 -3.63 -8.23
C TYR D 51 21.36 -4.57 -7.12
N LEU D 52 21.38 -5.87 -7.43
CA LEU D 52 21.77 -6.92 -6.48
C LEU D 52 23.09 -7.55 -6.94
N THR D 53 24.05 -7.63 -6.01
CA THR D 53 25.19 -8.52 -6.11
C THR D 53 24.88 -9.73 -5.24
N LEU D 54 24.97 -10.94 -5.83
CA LEU D 54 24.58 -12.15 -5.14
C LEU D 54 25.64 -13.24 -5.37
N GLU D 55 25.83 -14.10 -4.36
CA GLU D 55 26.58 -15.35 -4.47
C GLU D 55 25.63 -16.41 -5.03
N ALA D 56 26.13 -17.23 -5.96
CA ALA D 56 25.39 -18.39 -6.43
C ALA D 56 26.36 -19.51 -6.78
N LYS D 57 25.95 -20.74 -6.45
CA LYS D 57 26.76 -21.94 -6.59
C LYS D 57 26.61 -22.43 -8.03
N ASP D 58 27.75 -22.69 -8.67
CA ASP D 58 27.84 -23.21 -10.03
C ASP D 58 28.90 -24.32 -10.10
N GLY D 59 28.44 -25.56 -10.24
CA GLY D 59 29.31 -26.74 -10.32
C GLY D 59 30.55 -26.62 -9.44
N GLY D 60 30.35 -26.73 -8.11
CA GLY D 60 31.45 -26.81 -7.15
C GLY D 60 32.16 -25.48 -6.93
N LYS D 61 31.51 -24.37 -7.34
CA LYS D 61 32.07 -23.02 -7.24
C LYS D 61 30.98 -22.02 -6.85
N LYS D 62 31.21 -21.28 -5.76
CA LYS D 62 30.43 -20.08 -5.43
C LYS D 62 31.03 -18.89 -6.20
N LYS D 63 30.22 -18.27 -7.05
CA LYS D 63 30.61 -17.07 -7.80
C LYS D 63 29.66 -15.92 -7.46
N LEU D 64 30.12 -14.69 -7.74
CA LEU D 64 29.33 -13.48 -7.58
C LEU D 64 28.74 -13.07 -8.94
N TYR D 65 27.47 -12.63 -8.90
CA TYR D 65 26.74 -12.11 -10.05
C TYR D 65 26.08 -10.79 -9.68
N GLU D 66 26.07 -9.84 -10.64
CA GLU D 66 25.33 -8.60 -10.55
C GLU D 66 24.04 -8.75 -11.36
N ALA D 67 22.90 -8.58 -10.71
CA ALA D 67 21.59 -8.62 -11.34
C ALA D 67 20.90 -7.26 -11.21
N LYS D 68 20.13 -6.92 -12.24
CA LYS D 68 19.20 -5.80 -12.23
C LYS D 68 17.79 -6.37 -12.41
N VAL D 69 16.89 -6.00 -11.49
CA VAL D 69 15.52 -6.47 -11.49
C VAL D 69 14.58 -5.26 -11.42
N TRP D 70 13.65 -5.21 -12.38
CA TRP D 70 12.71 -4.13 -12.59
C TRP D 70 11.37 -4.52 -11.97
N VAL D 71 10.86 -3.66 -11.08
CA VAL D 71 9.70 -3.99 -10.28
C VAL D 71 8.68 -2.84 -10.37
N LYS D 72 7.48 -3.22 -10.82
CA LYS D 72 6.29 -2.42 -10.80
C LYS D 72 5.40 -2.92 -9.66
N LYS D 73 5.12 -2.04 -8.69
CA LYS D 73 4.21 -2.41 -7.61
C LYS D 73 3.29 -1.23 -7.30
N LEU D 74 2.01 -1.55 -7.12
CA LEU D 74 0.99 -0.64 -6.65
C LEU D 74 1.02 -0.60 -5.12
N ASN D 75 1.38 0.55 -4.56
CA ASN D 75 1.27 0.81 -3.13
C ASN D 75 -0.04 1.57 -2.86
N ASN D 76 -1.12 0.80 -2.71
CA ASN D 76 -2.51 1.30 -2.57
C ASN D 76 -3.47 0.09 -2.54
N SER D 77 -3.22 -0.91 -3.41
CA SER D 77 -4.17 -2.01 -3.67
C SER D 77 -3.41 -3.31 -4.02
N HIS D 78 -4.16 -4.33 -4.49
CA HIS D 78 -3.66 -5.69 -4.71
C HIS D 78 -2.69 -5.76 -5.91
N THR D 79 -2.06 -6.92 -6.08
CA THR D 79 -1.07 -7.15 -7.13
C THR D 79 -1.74 -7.01 -8.50
N TYR D 80 -1.94 -8.15 -9.18
CA TYR D 80 -2.60 -8.24 -10.49
C TYR D 80 -1.71 -7.66 -11.59
N LYS D 81 -1.51 -6.33 -11.57
CA LYS D 81 -0.75 -5.60 -12.58
C LYS D 81 0.66 -5.29 -12.07
N ASN D 82 1.04 -5.92 -10.93
CA ASN D 82 2.41 -5.89 -10.41
C ASN D 82 3.29 -6.82 -11.26
N PHE D 83 4.58 -6.49 -11.33
CA PHE D 83 5.48 -7.00 -12.36
C PHE D 83 6.91 -7.07 -11.83
N LYS D 84 7.56 -8.22 -12.05
CA LYS D 84 8.99 -8.43 -11.85
C LYS D 84 9.62 -8.81 -13.19
N GLU D 85 10.75 -8.19 -13.55
CA GLU D 85 11.50 -8.59 -14.73
C GLU D 85 12.99 -8.44 -14.51
N LEU D 86 13.74 -9.47 -14.93
CA LEU D 86 15.18 -9.48 -14.92
C LEU D 86 15.69 -8.70 -16.15
N GLN D 87 16.42 -7.60 -15.92
CA GLN D 87 16.98 -6.76 -16.98
C GLN D 87 18.38 -7.25 -17.37
N GLU D 88 19.15 -7.72 -16.38
CA GLU D 88 20.54 -8.07 -16.61
C GLU D 88 21.03 -8.98 -15.48
N PHE D 89 21.98 -9.85 -15.84
CA PHE D 89 22.56 -10.84 -14.96
C PHE D 89 23.93 -11.24 -15.50
N LYS D 90 24.99 -10.75 -14.83
CA LYS D 90 26.37 -10.93 -15.30
C LYS D 90 27.24 -11.36 -14.12
N PRO D 91 28.28 -12.20 -14.35
CA PRO D 91 29.35 -12.39 -13.36
C PRO D 91 30.11 -11.08 -13.11
N VAL D 92 30.55 -10.85 -11.87
CA VAL D 92 31.15 -9.57 -11.44
C VAL D 92 32.36 -9.26 -12.32
PB GDP E . -10.77 -21.13 10.56
O1B GDP E . -9.50 -20.92 9.78
O2B GDP E . -10.53 -21.34 12.03
O3B GDP E . -11.84 -20.11 10.26
O3A GDP E . -11.36 -22.52 10.02
PA GDP E . -12.03 -23.66 10.97
O1A GDP E . -10.89 -24.33 11.71
O2A GDP E . -13.18 -23.06 11.76
O5' GDP E . -12.62 -24.70 9.90
C5' GDP E . -13.53 -24.25 8.89
C4' GDP E . -14.34 -25.41 8.29
O4' GDP E . -13.49 -26.32 7.59
C3' GDP E . -15.04 -26.23 9.36
O3' GDP E . -16.32 -26.64 8.88
C2' GDP E . -14.11 -27.41 9.57
O2' GDP E . -14.80 -28.59 9.96
C1' GDP E . -13.50 -27.61 8.21
N9 GDP E . -12.10 -28.12 8.25
C8 GDP E . -11.05 -27.60 8.91
N7 GDP E . -9.93 -28.33 8.67
C5 GDP E . -10.27 -29.32 7.84
C6 GDP E . -9.59 -30.47 7.18
O6 GDP E . -8.38 -30.67 7.36
N1 GDP E . -10.31 -31.27 6.40
C2 GDP E . -11.61 -31.08 6.19
N2 GDP E . -12.28 -31.94 5.38
N3 GDP E . -12.31 -30.06 6.76
C4 GDP E . -11.70 -29.18 7.57
MG MG F . -11.20 -20.41 13.73
PB GDP G . -7.83 12.35 -20.77
O1B GDP G . -6.73 13.14 -21.47
O2B GDP G . -8.03 12.67 -19.31
O3B GDP G . -7.81 10.88 -21.09
O3A GDP G . -9.26 12.86 -21.33
PA GDP G . -9.57 13.60 -22.76
O1A GDP G . -9.07 12.69 -23.86
O2A GDP G . -9.16 15.03 -22.69
O5' GDP G . -11.19 13.62 -22.79
C5' GDP G . -11.95 12.41 -22.82
C4' GDP G . -13.29 12.64 -23.48
O4' GDP G . -14.06 13.56 -22.68
C3' GDP G . -13.15 13.32 -24.83
O3' GDP G . -14.21 12.91 -25.66
C2' GDP G . -13.32 14.80 -24.55
O2' GDP G . -13.80 15.55 -25.67
C1' GDP G . -14.34 14.75 -23.43
N9 GDP G . -14.23 15.93 -22.57
C8 GDP G . -13.10 16.42 -22.03
N7 GDP G . -13.39 17.49 -21.28
C5 GDP G . -14.72 17.69 -21.35
C6 GDP G . -15.66 18.68 -20.78
O6 GDP G . -15.26 19.59 -20.05
N1 GDP G . -16.96 18.54 -21.08
C2 GDP G . -17.40 17.57 -21.88
N2 GDP G . -18.72 17.49 -22.14
N3 GDP G . -16.59 16.62 -22.45
C4 GDP G . -15.25 16.66 -22.19
MG MG H . -5.14 12.44 -22.66
#